data_2MLV
#
_entry.id   2MLV
#
_entity_poly.entity_id   1
_entity_poly.type   'polypeptide(L)'
_entity_poly.pdbx_seq_one_letter_code
;MKTILRFVAGYDIASHKKKTGGYPWERGKA
;
_entity_poly.pdbx_strand_id   A
#
# COMPACT_ATOMS: atom_id res chain seq x y z
N MET A 1 -10.09 -3.97 -12.85
CA MET A 1 -9.26 -2.84 -12.45
C MET A 1 -8.97 -1.93 -13.64
N LYS A 2 -9.96 -1.13 -14.02
CA LYS A 2 -9.81 -0.22 -15.15
C LYS A 2 -9.43 1.18 -14.67
N THR A 3 -10.16 1.67 -13.66
CA THR A 3 -9.91 2.99 -13.12
C THR A 3 -9.20 2.89 -11.77
N ILE A 4 -8.33 1.90 -11.63
CA ILE A 4 -7.58 1.69 -10.39
C ILE A 4 -6.52 2.78 -10.21
N LEU A 5 -6.29 3.56 -11.26
CA LEU A 5 -5.31 4.62 -11.22
C LEU A 5 -5.54 5.53 -10.02
N ARG A 6 -6.82 5.74 -9.69
CA ARG A 6 -7.18 6.59 -8.56
C ARG A 6 -6.86 5.90 -7.23
N PHE A 7 -6.98 4.58 -7.21
CA PHE A 7 -6.70 3.79 -6.01
C PHE A 7 -5.20 3.68 -5.77
N VAL A 8 -4.48 3.24 -6.80
CA VAL A 8 -3.03 3.08 -6.70
C VAL A 8 -2.35 4.43 -6.48
N ALA A 9 -2.91 5.47 -7.05
CA ALA A 9 -2.36 6.82 -6.91
C ALA A 9 -2.12 7.16 -5.45
N GLY A 10 -3.14 6.95 -4.62
CA GLY A 10 -3.01 7.25 -3.20
C GLY A 10 -2.12 6.26 -2.48
N TYR A 11 -2.06 5.04 -2.99
CA TYR A 11 -1.23 4.00 -2.38
C TYR A 11 0.25 4.25 -2.64
N ASP A 12 0.54 4.82 -3.81
CA ASP A 12 1.93 5.11 -4.17
C ASP A 12 2.52 6.16 -3.23
N ILE A 13 1.68 7.03 -2.71
CA ILE A 13 2.12 8.08 -1.79
C ILE A 13 2.09 7.59 -0.35
N ALA A 14 1.00 6.94 0.02
CA ALA A 14 0.84 6.42 1.38
C ALA A 14 1.90 5.37 1.68
N SER A 15 2.22 4.54 0.69
CA SER A 15 3.21 3.49 0.85
C SER A 15 4.62 4.07 0.94
N HIS A 16 4.81 5.23 0.32
CA HIS A 16 6.11 5.90 0.32
C HIS A 16 6.28 6.73 1.59
N LYS A 17 5.17 7.25 2.11
CA LYS A 17 5.21 8.06 3.32
C LYS A 17 5.35 7.19 4.56
N LYS A 18 4.41 6.28 4.75
CA LYS A 18 4.44 5.38 5.89
C LYS A 18 5.41 4.23 5.66
N LYS A 19 5.24 3.54 4.54
CA LYS A 19 6.10 2.41 4.19
C LYS A 19 6.09 1.36 5.29
N THR A 20 5.13 0.43 5.21
CA THR A 20 5.02 -0.63 6.20
C THR A 20 3.99 -1.67 5.78
N GLY A 21 4.19 -2.91 6.21
CA GLY A 21 3.26 -3.97 5.88
C GLY A 21 3.22 -4.25 4.38
N GLY A 22 4.08 -5.16 3.93
CA GLY A 22 4.14 -5.50 2.52
C GLY A 22 4.81 -6.83 2.27
N TYR A 23 4.02 -7.89 2.16
CA TYR A 23 4.55 -9.22 1.92
C TYR A 23 5.32 -9.28 0.61
N PRO A 24 6.19 -10.29 0.47
CA PRO A 24 7.00 -10.48 -0.74
C PRO A 24 6.15 -10.91 -1.94
N TRP A 25 5.05 -11.58 -1.67
CA TRP A 25 4.15 -12.05 -2.72
C TRP A 25 2.96 -11.12 -2.88
N GLU A 26 2.71 -10.31 -1.85
CA GLU A 26 1.59 -9.37 -1.88
C GLU A 26 2.05 -7.99 -2.34
N ARG A 27 2.83 -7.96 -3.41
CA ARG A 27 3.34 -6.70 -3.95
C ARG A 27 2.91 -6.52 -5.40
N GLY A 28 1.70 -6.98 -5.72
CA GLY A 28 1.19 -6.85 -7.07
C GLY A 28 1.95 -7.71 -8.06
N LYS A 29 2.04 -9.01 -7.77
CA LYS A 29 2.75 -9.94 -8.64
C LYS A 29 4.19 -9.49 -8.87
N ALA A 30 4.81 -8.98 -7.82
CA ALA A 30 6.19 -8.51 -7.90
C ALA A 30 6.35 -7.48 -9.02
N MET A 1 -8.42 -3.82 -14.05
CA MET A 1 -7.95 -2.47 -13.75
C MET A 1 -8.50 -1.47 -14.77
N LYS A 2 -9.70 -0.98 -14.51
CA LYS A 2 -10.34 -0.01 -15.40
C LYS A 2 -10.04 1.43 -14.96
N THR A 3 -10.17 1.67 -13.65
CA THR A 3 -9.91 3.00 -13.10
C THR A 3 -9.19 2.90 -11.76
N ILE A 4 -8.34 1.88 -11.62
CA ILE A 4 -7.59 1.69 -10.39
C ILE A 4 -6.53 2.77 -10.20
N LEU A 5 -6.30 3.55 -11.26
CA LEU A 5 -5.32 4.62 -11.22
C LEU A 5 -5.56 5.53 -10.01
N ARG A 6 -6.83 5.74 -9.68
CA ARG A 6 -7.19 6.58 -8.54
C ARG A 6 -6.87 5.90 -7.22
N PHE A 7 -6.98 4.57 -7.20
CA PHE A 7 -6.70 3.79 -6.01
C PHE A 7 -5.20 3.67 -5.77
N VAL A 8 -4.47 3.23 -6.79
CA VAL A 8 -3.03 3.08 -6.70
C VAL A 8 -2.34 4.42 -6.49
N ALA A 9 -2.92 5.48 -7.06
CA ALA A 9 -2.37 6.82 -6.92
C ALA A 9 -2.12 7.16 -5.45
N GLY A 10 -3.14 6.95 -4.62
CA GLY A 10 -3.01 7.24 -3.20
C GLY A 10 -2.11 6.26 -2.49
N TYR A 11 -2.05 5.04 -3.00
CA TYR A 11 -1.22 3.99 -2.40
C TYR A 11 0.26 4.25 -2.65
N ASP A 12 0.56 4.82 -3.82
CA ASP A 12 1.94 5.13 -4.19
C ASP A 12 2.53 6.18 -3.25
N ILE A 13 1.68 7.04 -2.72
CA ILE A 13 2.13 8.09 -1.80
C ILE A 13 2.09 7.61 -0.36
N ALA A 14 1.00 6.94 0.01
CA ALA A 14 0.84 6.43 1.36
C ALA A 14 1.90 5.37 1.67
N SER A 15 2.22 4.56 0.67
CA SER A 15 3.22 3.50 0.85
C SER A 15 4.62 4.08 0.95
N HIS A 16 4.81 5.25 0.34
CA HIS A 16 6.11 5.91 0.37
C HIS A 16 6.31 6.68 1.67
N LYS A 17 5.22 7.21 2.21
CA LYS A 17 5.26 7.96 3.46
C LYS A 17 5.34 7.02 4.66
N LYS A 18 4.47 6.02 4.68
CA LYS A 18 4.44 5.04 5.76
C LYS A 18 5.47 3.94 5.53
N LYS A 19 5.37 3.27 4.39
CA LYS A 19 6.28 2.19 4.05
C LYS A 19 6.21 1.06 5.07
N THR A 20 5.34 0.09 4.80
CA THR A 20 5.19 -1.05 5.70
C THR A 20 4.24 -2.09 5.10
N GLY A 21 4.33 -3.32 5.60
CA GLY A 21 3.48 -4.38 5.10
C GLY A 21 2.79 -5.15 6.21
N GLY A 22 1.91 -4.47 6.94
CA GLY A 22 1.21 -5.12 8.04
C GLY A 22 0.15 -4.23 8.64
N TYR A 23 -1.10 -4.41 8.22
CA TYR A 23 -2.21 -3.62 8.73
C TYR A 23 -2.30 -3.71 10.24
N PRO A 24 -2.99 -2.74 10.87
CA PRO A 24 -3.17 -2.70 12.32
C PRO A 24 -4.10 -3.80 12.82
N TRP A 25 -5.02 -4.23 11.95
CA TRP A 25 -5.97 -5.28 12.31
C TRP A 25 -5.53 -6.62 11.75
N GLU A 26 -4.64 -6.58 10.76
CA GLU A 26 -4.14 -7.80 10.13
C GLU A 26 -2.82 -8.23 10.78
N ARG A 27 -2.75 -8.15 12.10
CA ARG A 27 -1.55 -8.53 12.83
C ARG A 27 -1.86 -9.62 13.85
N GLY A 28 -2.84 -10.46 13.53
CA GLY A 28 -3.21 -11.53 14.44
C GLY A 28 -4.70 -11.83 14.41
N LYS A 29 -5.47 -11.02 15.11
CA LYS A 29 -6.92 -11.19 15.16
C LYS A 29 -7.59 -10.56 13.94
N ALA A 30 -8.06 -11.40 13.02
CA ALA A 30 -8.72 -10.94 11.81
C ALA A 30 -9.95 -10.10 12.15
N MET A 1 -10.09 -3.66 -11.73
CA MET A 1 -10.71 -2.41 -12.14
C MET A 1 -9.90 -1.72 -13.22
N LYS A 2 -10.56 -0.92 -14.05
CA LYS A 2 -9.89 -0.20 -15.12
C LYS A 2 -9.45 1.19 -14.65
N THR A 3 -10.17 1.74 -13.68
CA THR A 3 -9.87 3.05 -13.15
C THR A 3 -9.16 2.94 -11.80
N ILE A 4 -8.33 1.93 -11.66
CA ILE A 4 -7.58 1.72 -10.42
C ILE A 4 -6.52 2.80 -10.23
N LEU A 5 -6.28 3.57 -11.27
CA LEU A 5 -5.28 4.65 -11.21
C LEU A 5 -5.54 5.55 -10.01
N ARG A 6 -6.80 5.75 -9.67
CA ARG A 6 -7.17 6.59 -8.54
C ARG A 6 -6.86 5.89 -7.22
N PHE A 7 -6.97 4.57 -7.22
CA PHE A 7 -6.71 3.77 -6.02
C PHE A 7 -5.21 3.65 -5.78
N VAL A 8 -4.48 3.22 -6.80
CA VAL A 8 -3.04 3.06 -6.69
C VAL A 8 -2.35 4.39 -6.45
N ALA A 9 -2.92 5.46 -7.03
CA ALA A 9 -2.35 6.79 -6.88
C ALA A 9 -2.12 7.13 -5.41
N GLY A 10 -3.13 6.91 -4.58
CA GLY A 10 -3.01 7.19 -3.16
C GLY A 10 -2.13 6.20 -2.44
N TYR A 11 -2.07 4.98 -2.97
CA TYR A 11 -1.25 3.93 -2.37
C TYR A 11 0.23 4.19 -2.62
N ASP A 12 0.54 4.77 -3.76
CA ASP A 12 1.92 5.07 -4.14
C ASP A 12 2.52 6.10 -3.18
N ILE A 13 1.69 7.05 -2.74
CA ILE A 13 2.12 8.08 -1.83
C ILE A 13 2.09 7.60 -0.38
N ALA A 14 0.98 6.99 0.01
CA ALA A 14 0.82 6.47 1.36
C ALA A 14 1.89 5.44 1.69
N SER A 15 2.20 4.60 0.71
CA SER A 15 3.21 3.55 0.90
C SER A 15 4.61 4.16 0.94
N HIS A 16 4.79 5.27 0.24
CA HIS A 16 6.08 5.94 0.19
C HIS A 16 6.31 6.76 1.46
N LYS A 17 5.24 7.30 2.02
CA LYS A 17 5.32 8.11 3.23
C LYS A 17 5.45 7.22 4.46
N LYS A 18 4.49 6.32 4.65
CA LYS A 18 4.50 5.41 5.78
C LYS A 18 5.51 4.29 5.57
N LYS A 19 5.35 3.55 4.48
CA LYS A 19 6.26 2.45 4.17
C LYS A 19 6.34 1.46 5.33
N THR A 20 5.38 0.53 5.37
CA THR A 20 5.35 -0.47 6.43
C THR A 20 4.77 -1.78 5.91
N GLY A 21 5.21 -2.89 6.51
CA GLY A 21 4.73 -4.19 6.09
C GLY A 21 4.64 -5.17 7.25
N GLY A 22 4.11 -4.69 8.37
CA GLY A 22 3.98 -5.56 9.55
C GLY A 22 5.01 -5.24 10.61
N TYR A 23 4.56 -4.68 11.72
CA TYR A 23 5.46 -4.33 12.82
C TYR A 23 6.24 -5.55 13.30
N PRO A 24 7.36 -5.31 13.98
CA PRO A 24 8.22 -6.37 14.50
C PRO A 24 7.56 -7.14 15.65
N TRP A 25 6.69 -6.45 16.38
CA TRP A 25 5.99 -7.07 17.51
C TRP A 25 4.58 -7.50 17.10
N GLU A 26 4.09 -6.95 16.00
CA GLU A 26 2.76 -7.28 15.51
C GLU A 26 2.82 -8.39 14.46
N ARG A 27 3.57 -9.45 14.78
CA ARG A 27 3.71 -10.58 13.87
C ARG A 27 2.84 -11.75 14.30
N GLY A 28 1.69 -11.44 14.89
CA GLY A 28 0.79 -12.49 15.35
C GLY A 28 -0.43 -12.63 14.46
N LYS A 29 -0.31 -12.19 13.21
CA LYS A 29 -1.40 -12.28 12.26
C LYS A 29 -2.68 -11.67 12.83
N ALA A 30 -2.73 -10.34 12.90
CA ALA A 30 -3.89 -9.65 13.43
C ALA A 30 -3.99 -8.23 12.86
N MET A 1 -9.42 -3.36 -11.86
CA MET A 1 -10.19 -2.15 -12.11
C MET A 1 -9.50 -1.26 -13.13
N LYS A 2 -10.19 -0.95 -14.22
CA LYS A 2 -9.64 -0.10 -15.26
C LYS A 2 -9.35 1.29 -14.74
N THR A 3 -10.09 1.71 -13.72
CA THR A 3 -9.91 3.02 -13.12
C THR A 3 -9.19 2.93 -11.77
N ILE A 4 -8.34 1.91 -11.64
CA ILE A 4 -7.60 1.70 -10.40
C ILE A 4 -6.53 2.78 -10.21
N LEU A 5 -6.29 3.56 -11.26
CA LEU A 5 -5.31 4.63 -11.21
C LEU A 5 -5.55 5.54 -10.01
N ARG A 6 -6.82 5.75 -9.68
CA ARG A 6 -7.18 6.59 -8.54
C ARG A 6 -6.87 5.90 -7.22
N PHE A 7 -6.99 4.58 -7.21
CA PHE A 7 -6.71 3.79 -6.01
C PHE A 7 -5.21 3.67 -5.77
N VAL A 8 -4.49 3.23 -6.79
CA VAL A 8 -3.04 3.06 -6.69
C VAL A 8 -2.35 4.40 -6.47
N ALA A 9 -2.91 5.47 -7.04
CA ALA A 9 -2.36 6.81 -6.90
C ALA A 9 -2.12 7.14 -5.43
N GLY A 10 -3.14 6.93 -4.61
CA GLY A 10 -3.01 7.23 -3.18
C GLY A 10 -2.12 6.23 -2.46
N TYR A 11 -2.06 5.01 -2.98
CA TYR A 11 -1.24 3.97 -2.38
C TYR A 11 0.24 4.22 -2.63
N ASP A 12 0.54 4.79 -3.79
CA ASP A 12 1.93 5.09 -4.16
C ASP A 12 2.52 6.13 -3.21
N ILE A 13 1.68 7.04 -2.73
CA ILE A 13 2.13 8.08 -1.82
C ILE A 13 2.10 7.60 -0.37
N ALA A 14 0.99 6.97 0.01
CA ALA A 14 0.83 6.45 1.37
C ALA A 14 1.90 5.40 1.69
N SER A 15 2.21 4.57 0.69
CA SER A 15 3.22 3.52 0.87
C SER A 15 4.61 4.11 0.94
N HIS A 16 4.80 5.26 0.29
CA HIS A 16 6.10 5.94 0.27
C HIS A 16 6.30 6.75 1.55
N LYS A 17 5.21 7.26 2.09
CA LYS A 17 5.25 8.07 3.31
C LYS A 17 5.41 7.18 4.54
N LYS A 18 4.44 6.29 4.75
CA LYS A 18 4.48 5.37 5.88
C LYS A 18 5.44 4.22 5.63
N LYS A 19 5.23 3.50 4.54
CA LYS A 19 6.08 2.38 4.17
C LYS A 19 6.03 1.30 5.25
N THR A 20 4.99 0.46 5.19
CA THR A 20 4.84 -0.61 6.17
C THR A 20 4.03 -1.76 5.58
N GLY A 21 4.21 -2.96 6.16
CA GLY A 21 3.49 -4.12 5.67
C GLY A 21 2.87 -4.92 6.81
N GLY A 22 3.66 -5.83 7.37
CA GLY A 22 3.18 -6.66 8.46
C GLY A 22 4.29 -7.16 9.36
N TYR A 23 4.68 -8.41 9.17
CA TYR A 23 5.75 -9.01 9.98
C TYR A 23 7.10 -8.39 9.64
N PRO A 24 8.05 -8.54 10.56
CA PRO A 24 9.41 -7.99 10.39
C PRO A 24 10.19 -8.73 9.30
N TRP A 25 9.86 -10.00 9.11
CA TRP A 25 10.54 -10.82 8.09
C TRP A 25 9.70 -10.90 6.82
N GLU A 26 8.41 -10.60 6.94
CA GLU A 26 7.52 -10.65 5.79
C GLU A 26 7.37 -9.26 5.16
N ARG A 27 8.50 -8.60 4.94
CA ARG A 27 8.51 -7.27 4.33
C ARG A 27 9.21 -7.30 2.98
N GLY A 28 9.09 -8.41 2.28
CA GLY A 28 9.72 -8.55 0.98
C GLY A 28 8.77 -8.22 -0.15
N LYS A 29 7.96 -9.20 -0.55
CA LYS A 29 7.00 -9.01 -1.64
C LYS A 29 5.77 -9.90 -1.43
N ALA A 30 4.64 -9.44 -1.93
CA ALA A 30 3.39 -10.19 -1.82
C ALA A 30 3.55 -11.60 -2.36
N MET A 1 -8.79 -3.47 -11.89
CA MET A 1 -9.73 -2.43 -12.26
C MET A 1 -9.11 -1.49 -13.29
N LYS A 2 -9.92 -1.02 -14.22
CA LYS A 2 -9.45 -0.11 -15.26
C LYS A 2 -9.22 1.29 -14.71
N THR A 3 -10.03 1.67 -13.72
CA THR A 3 -9.92 2.98 -13.10
C THR A 3 -9.20 2.89 -11.76
N ILE A 4 -8.36 1.88 -11.61
CA ILE A 4 -7.61 1.68 -10.37
C ILE A 4 -6.55 2.76 -10.20
N LEU A 5 -6.31 3.53 -11.25
CA LEU A 5 -5.33 4.61 -11.22
C LEU A 5 -5.56 5.52 -10.02
N ARG A 6 -6.84 5.73 -9.68
CA ARG A 6 -7.20 6.58 -8.55
C ARG A 6 -6.87 5.90 -7.22
N PHE A 7 -6.99 4.58 -7.21
CA PHE A 7 -6.71 3.80 -6.00
C PHE A 7 -5.21 3.68 -5.76
N VAL A 8 -4.49 3.24 -6.79
CA VAL A 8 -3.04 3.09 -6.70
C VAL A 8 -2.35 4.43 -6.48
N ALA A 9 -2.93 5.48 -7.06
CA ALA A 9 -2.37 6.83 -6.93
C ALA A 9 -2.13 7.18 -5.46
N GLY A 10 -3.14 6.97 -4.63
CA GLY A 10 -3.01 7.27 -3.21
C GLY A 10 -2.12 6.28 -2.49
N TYR A 11 -2.06 5.06 -3.00
CA TYR A 11 -1.23 4.02 -2.39
C TYR A 11 0.24 4.27 -2.65
N ASP A 12 0.55 4.83 -3.81
CA ASP A 12 1.92 5.14 -4.19
C ASP A 12 2.52 6.17 -3.25
N ILE A 13 1.68 7.04 -2.70
CA ILE A 13 2.12 8.08 -1.79
C ILE A 13 2.10 7.59 -0.35
N ALA A 14 1.01 6.96 0.04
CA ALA A 14 0.86 6.43 1.39
C ALA A 14 1.90 5.37 1.68
N SER A 15 2.23 4.56 0.68
CA SER A 15 3.22 3.50 0.83
C SER A 15 4.62 4.09 0.94
N HIS A 16 4.83 5.25 0.34
CA HIS A 16 6.12 5.92 0.36
C HIS A 16 6.33 6.65 1.69
N LYS A 17 5.24 7.16 2.26
CA LYS A 17 5.30 7.88 3.52
C LYS A 17 5.42 6.92 4.69
N LYS A 18 4.46 6.00 4.80
CA LYS A 18 4.45 5.02 5.88
C LYS A 18 5.44 3.89 5.59
N LYS A 19 5.27 3.24 4.44
CA LYS A 19 6.15 2.14 4.05
C LYS A 19 6.13 1.03 5.09
N THR A 20 5.10 0.18 5.04
CA THR A 20 4.97 -0.92 5.97
C THR A 20 4.29 -2.12 5.31
N GLY A 21 4.53 -3.31 5.87
CA GLY A 21 3.94 -4.51 5.32
C GLY A 21 2.56 -4.78 5.86
N GLY A 22 2.40 -4.66 7.18
CA GLY A 22 1.12 -4.90 7.80
C GLY A 22 1.08 -6.21 8.58
N TYR A 23 1.10 -6.11 9.90
CA TYR A 23 1.07 -7.29 10.76
C TYR A 23 -0.27 -8.00 10.66
N PRO A 24 -0.29 -9.28 11.05
CA PRO A 24 -1.51 -10.10 11.02
C PRO A 24 -2.53 -9.67 12.08
N TRP A 25 -2.03 -9.09 13.16
CA TRP A 25 -2.91 -8.62 14.24
C TRP A 25 -3.13 -7.11 14.14
N GLU A 26 -2.27 -6.44 13.40
CA GLU A 26 -2.38 -4.99 13.24
C GLU A 26 -3.12 -4.65 11.95
N ARG A 27 -4.14 -5.44 11.64
CA ARG A 27 -4.94 -5.21 10.44
C ARG A 27 -6.42 -5.05 10.79
N GLY A 28 -6.68 -4.58 12.00
CA GLY A 28 -8.06 -4.38 12.43
C GLY A 28 -8.47 -5.36 13.51
N LYS A 29 -8.10 -5.06 14.75
CA LYS A 29 -8.43 -5.92 15.88
C LYS A 29 -9.94 -6.15 15.96
N ALA A 30 -10.71 -5.21 15.43
CA ALA A 30 -12.16 -5.31 15.44
C ALA A 30 -12.72 -5.35 14.02
N MET A 1 -9.34 -4.03 -11.99
CA MET A 1 -9.99 -2.72 -12.09
C MET A 1 -9.38 -1.91 -13.23
N LYS A 2 -10.22 -1.13 -13.91
CA LYS A 2 -9.76 -0.30 -15.02
C LYS A 2 -9.36 1.09 -14.53
N THR A 3 -10.18 1.67 -13.65
CA THR A 3 -9.90 2.99 -13.11
C THR A 3 -9.19 2.90 -11.77
N ILE A 4 -8.33 1.89 -11.63
CA ILE A 4 -7.58 1.69 -10.39
C ILE A 4 -6.52 2.78 -10.21
N LEU A 5 -6.29 3.55 -11.26
CA LEU A 5 -5.31 4.62 -11.22
C LEU A 5 -5.55 5.53 -10.02
N ARG A 6 -6.81 5.73 -9.68
CA ARG A 6 -7.19 6.59 -8.55
C ARG A 6 -6.86 5.90 -7.23
N PHE A 7 -6.97 4.57 -7.21
CA PHE A 7 -6.70 3.79 -6.01
C PHE A 7 -5.20 3.68 -5.77
N VAL A 8 -4.47 3.23 -6.79
CA VAL A 8 -3.03 3.08 -6.70
C VAL A 8 -2.34 4.43 -6.48
N ALA A 9 -2.91 5.47 -7.05
CA ALA A 9 -2.36 6.82 -6.91
C ALA A 9 -2.12 7.16 -5.45
N GLY A 10 -3.14 6.95 -4.62
CA GLY A 10 -3.01 7.24 -3.20
C GLY A 10 -2.12 6.26 -2.48
N TYR A 11 -2.06 5.04 -2.99
CA TYR A 11 -1.22 4.00 -2.38
C TYR A 11 0.26 4.26 -2.64
N ASP A 12 0.55 4.83 -3.81
CA ASP A 12 1.94 5.13 -4.18
C ASP A 12 2.53 6.18 -3.24
N ILE A 13 1.68 7.05 -2.71
CA ILE A 13 2.12 8.09 -1.80
C ILE A 13 2.09 7.61 -0.35
N ALA A 14 1.00 6.95 0.02
CA ALA A 14 0.84 6.43 1.38
C ALA A 14 1.89 5.37 1.68
N SER A 15 2.21 4.55 0.68
CA SER A 15 3.20 3.49 0.85
C SER A 15 4.61 4.08 0.94
N HIS A 16 4.80 5.24 0.32
CA HIS A 16 6.11 5.90 0.32
C HIS A 16 6.30 6.70 1.61
N LYS A 17 5.21 7.23 2.14
CA LYS A 17 5.26 8.02 3.36
C LYS A 17 5.36 7.11 4.59
N LYS A 18 4.45 6.15 4.69
CA LYS A 18 4.45 5.20 5.81
C LYS A 18 5.47 4.09 5.58
N LYS A 19 5.36 3.41 4.45
CA LYS A 19 6.26 2.32 4.11
C LYS A 19 6.22 1.23 5.18
N THR A 20 5.32 0.27 5.01
CA THR A 20 5.17 -0.83 5.95
C THR A 20 4.32 -1.96 5.36
N GLY A 21 4.62 -3.18 5.76
CA GLY A 21 3.87 -4.33 5.27
C GLY A 21 4.70 -5.21 4.35
N GLY A 22 5.82 -5.70 4.86
CA GLY A 22 6.69 -6.55 4.06
C GLY A 22 8.01 -5.88 3.72
N TYR A 23 9.10 -6.44 4.23
CA TYR A 23 10.43 -5.89 3.98
C TYR A 23 10.74 -5.88 2.49
N PRO A 24 11.71 -5.05 2.09
CA PRO A 24 12.14 -4.93 0.69
C PRO A 24 12.86 -6.17 0.20
N TRP A 25 13.51 -6.88 1.11
CA TRP A 25 14.24 -8.09 0.77
C TRP A 25 13.43 -9.33 1.10
N GLU A 26 12.42 -9.17 1.94
CA GLU A 26 11.56 -10.28 2.34
C GLU A 26 10.30 -10.33 1.49
N ARG A 27 10.47 -10.15 0.17
CA ARG A 27 9.34 -10.17 -0.74
C ARG A 27 9.53 -11.26 -1.80
N GLY A 28 10.28 -12.29 -1.45
CA GLY A 28 10.53 -13.39 -2.38
C GLY A 28 9.82 -14.66 -1.96
N LYS A 29 8.81 -14.53 -1.12
CA LYS A 29 8.04 -15.69 -0.65
C LYS A 29 8.96 -16.68 0.06
N ALA A 30 9.56 -16.26 1.16
CA ALA A 30 10.45 -17.11 1.93
C ALA A 30 9.69 -17.90 2.99
N MET A 1 -8.65 -2.89 -11.42
CA MET A 1 -9.78 -2.12 -11.92
C MET A 1 -9.36 -1.18 -13.05
N LYS A 2 -10.22 -1.05 -14.06
CA LYS A 2 -9.93 -0.19 -15.20
C LYS A 2 -9.55 1.22 -14.74
N THR A 3 -10.17 1.67 -13.65
CA THR A 3 -9.90 2.99 -13.11
C THR A 3 -9.19 2.90 -11.76
N ILE A 4 -8.34 1.89 -11.62
CA ILE A 4 -7.59 1.69 -10.39
C ILE A 4 -6.53 2.77 -10.21
N LEU A 5 -6.30 3.54 -11.26
CA LEU A 5 -5.31 4.62 -11.22
C LEU A 5 -5.55 5.53 -10.01
N ARG A 6 -6.82 5.73 -9.67
CA ARG A 6 -7.18 6.57 -8.55
C ARG A 6 -6.86 5.89 -7.23
N PHE A 7 -6.98 4.56 -7.21
CA PHE A 7 -6.70 3.79 -6.01
C PHE A 7 -5.20 3.67 -5.77
N VAL A 8 -4.48 3.24 -6.80
CA VAL A 8 -3.03 3.08 -6.70
C VAL A 8 -2.34 4.43 -6.48
N ALA A 9 -2.92 5.48 -7.06
CA ALA A 9 -2.37 6.82 -6.92
C ALA A 9 -2.12 7.17 -5.46
N GLY A 10 -3.14 6.96 -4.63
CA GLY A 10 -3.01 7.26 -3.21
C GLY A 10 -2.11 6.27 -2.49
N TYR A 11 -2.05 5.05 -3.00
CA TYR A 11 -1.23 4.01 -2.39
C TYR A 11 0.25 4.26 -2.65
N ASP A 12 0.55 4.84 -3.80
CA ASP A 12 1.92 5.14 -4.17
C ASP A 12 2.52 6.18 -3.22
N ILE A 13 1.67 7.05 -2.70
CA ILE A 13 2.12 8.09 -1.77
C ILE A 13 2.09 7.61 -0.34
N ALA A 14 1.00 6.95 0.04
CA ALA A 14 0.84 6.43 1.39
C ALA A 14 1.90 5.37 1.69
N SER A 15 2.21 4.55 0.68
CA SER A 15 3.20 3.49 0.85
C SER A 15 4.61 4.08 0.93
N HIS A 16 4.80 5.23 0.31
CA HIS A 16 6.11 5.90 0.32
C HIS A 16 6.31 6.69 1.60
N LYS A 17 5.22 7.20 2.15
CA LYS A 17 5.27 7.98 3.38
C LYS A 17 5.40 7.07 4.60
N LYS A 18 4.45 6.16 4.74
CA LYS A 18 4.46 5.21 5.86
C LYS A 18 5.45 4.08 5.60
N LYS A 19 5.29 3.39 4.47
CA LYS A 19 6.16 2.29 4.11
C LYS A 19 6.18 1.23 5.20
N THR A 20 5.24 0.29 5.12
CA THR A 20 5.14 -0.78 6.11
C THR A 20 4.30 -1.94 5.57
N GLY A 21 4.54 -3.13 6.09
CA GLY A 21 3.79 -4.29 5.67
C GLY A 21 4.62 -5.24 4.82
N GLY A 22 5.32 -6.17 5.48
CA GLY A 22 6.15 -7.11 4.76
C GLY A 22 7.31 -6.45 4.04
N TYR A 23 8.47 -6.44 4.68
CA TYR A 23 9.66 -5.84 4.10
C TYR A 23 10.09 -6.57 2.84
N PRO A 24 10.89 -5.90 2.00
CA PRO A 24 11.39 -6.48 0.74
C PRO A 24 12.41 -7.57 0.98
N TRP A 25 13.13 -7.50 2.10
CA TRP A 25 14.13 -8.48 2.45
C TRP A 25 13.59 -9.49 3.45
N GLU A 26 12.50 -9.12 4.13
CA GLU A 26 11.88 -9.99 5.12
C GLU A 26 10.74 -10.79 4.50
N ARG A 27 11.00 -11.38 3.33
CA ARG A 27 9.99 -12.18 2.64
C ARG A 27 10.44 -13.62 2.52
N GLY A 28 11.17 -14.10 3.52
CA GLY A 28 11.64 -15.47 3.50
C GLY A 28 13.03 -15.60 2.92
N LYS A 29 13.29 -14.87 1.84
CA LYS A 29 14.60 -14.91 1.18
C LYS A 29 14.92 -16.31 0.68
N ALA A 30 13.88 -17.05 0.30
CA ALA A 30 14.05 -18.40 -0.20
C ALA A 30 13.10 -18.69 -1.36
N MET A 1 -8.46 -3.36 -11.70
CA MET A 1 -9.59 -2.56 -12.17
C MET A 1 -9.19 -1.68 -13.35
N LYS A 2 -10.19 -1.08 -14.00
CA LYS A 2 -9.93 -0.22 -15.15
C LYS A 2 -9.53 1.18 -14.68
N THR A 3 -10.20 1.68 -13.65
CA THR A 3 -9.90 3.00 -13.11
C THR A 3 -9.19 2.90 -11.76
N ILE A 4 -8.34 1.89 -11.63
CA ILE A 4 -7.59 1.70 -10.40
C ILE A 4 -6.54 2.77 -10.21
N LEU A 5 -6.30 3.55 -11.26
CA LEU A 5 -5.32 4.62 -11.22
C LEU A 5 -5.55 5.53 -10.02
N ARG A 6 -6.83 5.74 -9.68
CA ARG A 6 -7.19 6.58 -8.54
C ARG A 6 -6.87 5.88 -7.22
N PHE A 7 -6.98 4.56 -7.21
CA PHE A 7 -6.70 3.79 -6.01
C PHE A 7 -5.20 3.67 -5.77
N VAL A 8 -4.48 3.24 -6.80
CA VAL A 8 -3.03 3.08 -6.70
C VAL A 8 -2.34 4.42 -6.49
N ALA A 9 -2.92 5.48 -7.06
CA ALA A 9 -2.37 6.82 -6.92
C ALA A 9 -2.12 7.16 -5.45
N GLY A 10 -3.13 6.94 -4.62
CA GLY A 10 -3.00 7.24 -3.20
C GLY A 10 -2.11 6.25 -2.48
N TYR A 11 -2.04 5.03 -2.99
CA TYR A 11 -1.22 3.99 -2.39
C TYR A 11 0.26 4.25 -2.65
N ASP A 12 0.56 4.82 -3.82
CA ASP A 12 1.93 5.13 -4.19
C ASP A 12 2.53 6.17 -3.25
N ILE A 13 1.68 7.05 -2.73
CA ILE A 13 2.13 8.09 -1.82
C ILE A 13 2.08 7.61 -0.37
N ALA A 14 1.00 6.95 0.00
CA ALA A 14 0.83 6.44 1.35
C ALA A 14 1.89 5.38 1.67
N SER A 15 2.23 4.57 0.68
CA SER A 15 3.22 3.52 0.84
C SER A 15 4.62 4.11 0.96
N HIS A 16 4.82 5.27 0.34
CA HIS A 16 6.11 5.94 0.37
C HIS A 16 6.32 6.65 1.70
N LYS A 17 5.25 7.17 2.27
CA LYS A 17 5.31 7.87 3.55
C LYS A 17 5.40 6.90 4.70
N LYS A 18 4.39 6.04 4.82
CA LYS A 18 4.35 5.04 5.88
C LYS A 18 5.37 3.92 5.63
N LYS A 19 5.26 3.28 4.47
CA LYS A 19 6.18 2.21 4.11
C LYS A 19 6.09 1.05 5.10
N THR A 20 5.22 0.09 4.81
CA THR A 20 5.05 -1.06 5.68
C THR A 20 4.28 -2.17 4.97
N GLY A 21 4.58 -3.42 5.33
CA GLY A 21 3.91 -4.55 4.71
C GLY A 21 4.40 -4.81 3.31
N GLY A 22 5.47 -5.59 3.19
CA GLY A 22 6.02 -5.91 1.88
C GLY A 22 5.69 -7.32 1.44
N TYR A 23 6.69 -8.20 1.48
CA TYR A 23 6.51 -9.58 1.08
C TYR A 23 5.54 -10.29 2.01
N PRO A 24 4.97 -11.41 1.52
CA PRO A 24 4.01 -12.21 2.30
C PRO A 24 4.67 -12.93 3.48
N TRP A 25 5.96 -13.24 3.32
CA TRP A 25 6.71 -13.92 4.37
C TRP A 25 7.54 -12.94 5.18
N GLU A 26 7.76 -11.75 4.62
CA GLU A 26 8.54 -10.73 5.30
C GLU A 26 7.63 -9.76 6.05
N ARG A 27 6.67 -10.32 6.78
CA ARG A 27 5.73 -9.51 7.55
C ARG A 27 6.14 -9.45 9.02
N GLY A 28 7.44 -9.40 9.27
CA GLY A 28 7.94 -9.35 10.63
C GLY A 28 8.29 -10.72 11.17
N LYS A 29 8.75 -11.60 10.29
CA LYS A 29 9.11 -12.96 10.69
C LYS A 29 10.61 -13.18 10.52
N ALA A 30 11.20 -12.53 9.53
CA ALA A 30 12.63 -12.65 9.26
C ALA A 30 13.02 -14.11 9.05
N MET A 1 -10.46 -3.95 -12.52
CA MET A 1 -10.45 -2.52 -12.20
C MET A 1 -9.64 -1.74 -13.22
N LYS A 2 -10.34 -1.02 -14.09
CA LYS A 2 -9.68 -0.23 -15.13
C LYS A 2 -9.34 1.18 -14.61
N THR A 3 -10.14 1.66 -13.66
CA THR A 3 -9.94 2.97 -13.08
C THR A 3 -9.21 2.88 -11.74
N ILE A 4 -8.36 1.88 -11.61
CA ILE A 4 -7.61 1.68 -10.37
C ILE A 4 -6.54 2.77 -10.20
N LEU A 5 -6.31 3.54 -11.26
CA LEU A 5 -5.33 4.61 -11.22
C LEU A 5 -5.56 5.52 -10.02
N ARG A 6 -6.83 5.73 -9.67
CA ARG A 6 -7.19 6.58 -8.54
C ARG A 6 -6.87 5.90 -7.22
N PHE A 7 -6.98 4.57 -7.20
CA PHE A 7 -6.69 3.79 -6.00
C PHE A 7 -5.19 3.68 -5.77
N VAL A 8 -4.47 3.25 -6.80
CA VAL A 8 -3.02 3.09 -6.71
C VAL A 8 -2.34 4.43 -6.50
N ALA A 9 -2.92 5.48 -7.07
CA ALA A 9 -2.37 6.82 -6.94
C ALA A 9 -2.11 7.18 -5.49
N GLY A 10 -3.13 6.98 -4.64
CA GLY A 10 -2.99 7.28 -3.23
C GLY A 10 -2.10 6.29 -2.51
N TYR A 11 -2.04 5.06 -3.01
CA TYR A 11 -1.22 4.01 -2.41
C TYR A 11 0.26 4.27 -2.66
N ASP A 12 0.57 4.86 -3.83
CA ASP A 12 1.94 5.16 -4.19
C ASP A 12 2.55 6.19 -3.24
N ILE A 13 1.69 7.05 -2.70
CA ILE A 13 2.13 8.09 -1.77
C ILE A 13 2.10 7.59 -0.34
N ALA A 14 1.00 6.93 0.03
CA ALA A 14 0.85 6.41 1.38
C ALA A 14 1.90 5.34 1.68
N SER A 15 2.22 4.53 0.68
CA SER A 15 3.20 3.47 0.83
C SER A 15 4.61 4.05 0.95
N HIS A 16 4.82 5.22 0.35
CA HIS A 16 6.12 5.88 0.39
C HIS A 16 6.26 6.71 1.66
N LYS A 17 5.14 7.21 2.17
CA LYS A 17 5.14 8.02 3.38
C LYS A 17 5.26 7.14 4.62
N LYS A 18 4.33 6.21 4.77
CA LYS A 18 4.33 5.31 5.92
C LYS A 18 5.28 4.14 5.69
N LYS A 19 5.10 3.45 4.56
CA LYS A 19 5.94 2.31 4.21
C LYS A 19 5.97 1.29 5.34
N THR A 20 4.98 0.40 5.36
CA THR A 20 4.89 -0.62 6.39
C THR A 20 3.87 -1.69 6.02
N GLY A 21 4.10 -2.91 6.49
CA GLY A 21 3.20 -4.00 6.19
C GLY A 21 3.72 -5.35 6.66
N GLY A 22 3.23 -5.79 7.82
CA GLY A 22 3.68 -7.07 8.36
C GLY A 22 4.55 -6.91 9.59
N TYR A 23 3.95 -7.02 10.77
CA TYR A 23 4.68 -6.89 12.02
C TYR A 23 5.64 -8.05 12.23
N PRO A 24 6.63 -7.85 13.10
CA PRO A 24 7.63 -8.87 13.41
C PRO A 24 7.06 -10.03 14.20
N TRP A 25 6.00 -9.76 14.97
CA TRP A 25 5.36 -10.78 15.77
C TRP A 25 4.09 -11.29 15.10
N GLU A 26 3.58 -10.52 14.14
CA GLU A 26 2.38 -10.89 13.41
C GLU A 26 2.73 -11.59 12.10
N ARG A 27 3.71 -12.50 12.16
CA ARG A 27 4.14 -13.23 10.98
C ARG A 27 3.60 -14.66 11.00
N GLY A 28 2.39 -14.83 11.53
CA GLY A 28 1.79 -16.14 11.59
C GLY A 28 0.37 -16.15 11.08
N LYS A 29 0.09 -15.32 10.09
CA LYS A 29 -1.24 -15.23 9.50
C LYS A 29 -1.17 -15.22 7.97
N ALA A 30 -0.22 -15.97 7.43
CA ALA A 30 -0.04 -16.05 5.98
C ALA A 30 -1.28 -16.63 5.31
N MET A 1 -9.05 -3.47 -11.54
CA MET A 1 -9.95 -2.37 -11.87
C MET A 1 -9.37 -1.51 -12.99
N LYS A 2 -10.23 -1.11 -13.93
CA LYS A 2 -9.79 -0.27 -15.05
C LYS A 2 -9.39 1.12 -14.56
N THR A 3 -10.19 1.68 -13.66
CA THR A 3 -9.90 3.00 -13.11
C THR A 3 -9.19 2.91 -11.77
N ILE A 4 -8.34 1.89 -11.63
CA ILE A 4 -7.60 1.69 -10.39
C ILE A 4 -6.54 2.78 -10.21
N LEU A 5 -6.30 3.55 -11.26
CA LEU A 5 -5.31 4.62 -11.22
C LEU A 5 -5.55 5.53 -10.02
N ARG A 6 -6.83 5.74 -9.68
CA ARG A 6 -7.19 6.59 -8.55
C ARG A 6 -6.86 5.90 -7.23
N PHE A 7 -6.97 4.57 -7.21
CA PHE A 7 -6.70 3.79 -6.01
C PHE A 7 -5.20 3.67 -5.77
N VAL A 8 -4.48 3.24 -6.80
CA VAL A 8 -3.03 3.08 -6.70
C VAL A 8 -2.34 4.42 -6.49
N ALA A 9 -2.91 5.47 -7.06
CA ALA A 9 -2.36 6.81 -6.92
C ALA A 9 -2.11 7.16 -5.45
N GLY A 10 -3.13 6.94 -4.62
CA GLY A 10 -3.01 7.24 -3.20
C GLY A 10 -2.10 6.25 -2.48
N TYR A 11 -2.05 5.03 -2.99
CA TYR A 11 -1.23 3.99 -2.38
C TYR A 11 0.25 4.25 -2.65
N ASP A 12 0.56 4.81 -3.81
CA ASP A 12 1.93 5.11 -4.17
C ASP A 12 2.53 6.16 -3.24
N ILE A 13 1.68 7.04 -2.71
CA ILE A 13 2.13 8.08 -1.80
C ILE A 13 2.09 7.59 -0.35
N ALA A 14 1.00 6.95 0.02
CA ALA A 14 0.84 6.43 1.38
C ALA A 14 1.90 5.38 1.68
N SER A 15 2.22 4.55 0.68
CA SER A 15 3.22 3.50 0.85
C SER A 15 4.62 4.08 0.95
N HIS A 16 4.82 5.25 0.33
CA HIS A 16 6.11 5.91 0.35
C HIS A 16 6.28 6.74 1.61
N LYS A 17 5.18 7.25 2.14
CA LYS A 17 5.21 8.06 3.35
C LYS A 17 5.35 7.18 4.59
N LYS A 18 4.44 6.23 4.74
CA LYS A 18 4.47 5.31 5.88
C LYS A 18 5.43 4.15 5.62
N LYS A 19 5.20 3.44 4.53
CA LYS A 19 6.05 2.29 4.16
C LYS A 19 6.14 1.31 5.32
N THR A 20 5.18 0.39 5.39
CA THR A 20 5.16 -0.61 6.45
C THR A 20 4.30 -1.81 6.05
N GLY A 21 4.61 -2.97 6.61
CA GLY A 21 3.85 -4.17 6.31
C GLY A 21 2.48 -4.17 6.96
N GLY A 22 2.37 -4.89 8.08
CA GLY A 22 1.11 -4.96 8.79
C GLY A 22 0.83 -6.34 9.35
N TYR A 23 0.96 -6.47 10.66
CA TYR A 23 0.73 -7.76 11.32
C TYR A 23 -0.67 -8.28 11.03
N PRO A 24 -0.87 -9.60 11.21
CA PRO A 24 -2.15 -10.25 10.97
C PRO A 24 -3.22 -9.85 11.99
N TRP A 25 -2.76 -9.49 13.19
CA TRP A 25 -3.67 -9.09 14.26
C TRP A 25 -3.73 -7.57 14.38
N GLU A 26 -2.72 -6.90 13.82
CA GLU A 26 -2.66 -5.45 13.87
C GLU A 26 -3.24 -4.84 12.60
N ARG A 27 -4.41 -5.33 12.20
CA ARG A 27 -5.07 -4.83 11.00
C ARG A 27 -6.45 -4.25 11.34
N GLY A 28 -6.58 -3.71 12.54
CA GLY A 28 -7.84 -3.14 12.96
C GLY A 28 -7.91 -2.94 14.47
N LYS A 29 -6.84 -2.41 15.05
CA LYS A 29 -6.78 -2.17 16.48
C LYS A 29 -6.42 -0.72 16.78
N ALA A 30 -7.26 -0.06 17.58
CA ALA A 30 -7.02 1.33 17.94
C ALA A 30 -6.80 2.20 16.70
N MET A 1 -10.32 -4.06 -12.72
CA MET A 1 -9.69 -2.84 -12.23
C MET A 1 -9.20 -1.98 -13.39
N LYS A 2 -10.08 -1.15 -13.93
CA LYS A 2 -9.73 -0.27 -15.04
C LYS A 2 -9.34 1.12 -14.55
N THR A 3 -10.16 1.67 -13.66
CA THR A 3 -9.91 3.00 -13.10
C THR A 3 -9.19 2.90 -11.76
N ILE A 4 -8.35 1.89 -11.62
CA ILE A 4 -7.59 1.69 -10.39
C ILE A 4 -6.54 2.78 -10.21
N LEU A 5 -6.31 3.55 -11.25
CA LEU A 5 -5.33 4.63 -11.22
C LEU A 5 -5.56 5.53 -10.01
N ARG A 6 -6.83 5.73 -9.67
CA ARG A 6 -7.19 6.58 -8.54
C ARG A 6 -6.86 5.89 -7.22
N PHE A 7 -6.98 4.56 -7.21
CA PHE A 7 -6.70 3.79 -6.01
C PHE A 7 -5.20 3.67 -5.77
N VAL A 8 -4.47 3.23 -6.80
CA VAL A 8 -3.03 3.08 -6.70
C VAL A 8 -2.34 4.42 -6.49
N ALA A 9 -2.92 5.48 -7.06
CA ALA A 9 -2.37 6.82 -6.92
C ALA A 9 -2.12 7.16 -5.45
N GLY A 10 -3.14 6.95 -4.62
CA GLY A 10 -3.01 7.24 -3.20
C GLY A 10 -2.10 6.25 -2.48
N TYR A 11 -2.04 5.03 -2.99
CA TYR A 11 -1.22 3.99 -2.40
C TYR A 11 0.27 4.26 -2.66
N ASP A 12 0.56 4.82 -3.82
CA ASP A 12 1.94 5.13 -4.19
C ASP A 12 2.53 6.17 -3.25
N ILE A 13 1.68 7.05 -2.73
CA ILE A 13 2.13 8.09 -1.82
C ILE A 13 2.08 7.61 -0.37
N ALA A 14 0.99 6.94 0.00
CA ALA A 14 0.83 6.43 1.35
C ALA A 14 1.89 5.38 1.67
N SER A 15 2.22 4.56 0.67
CA SER A 15 3.21 3.52 0.85
C SER A 15 4.62 4.11 0.96
N HIS A 16 4.82 5.26 0.34
CA HIS A 16 6.11 5.93 0.37
C HIS A 16 6.32 6.66 1.69
N LYS A 17 5.23 7.20 2.24
CA LYS A 17 5.28 7.91 3.51
C LYS A 17 5.36 6.94 4.69
N LYS A 18 4.36 6.07 4.79
CA LYS A 18 4.32 5.08 5.86
C LYS A 18 5.32 3.96 5.61
N LYS A 19 5.19 3.29 4.48
CA LYS A 19 6.08 2.20 4.13
C LYS A 19 6.13 1.15 5.24
N THR A 20 5.17 0.24 5.22
CA THR A 20 5.09 -0.83 6.22
C THR A 20 4.11 -1.91 5.80
N GLY A 21 4.28 -3.10 6.36
CA GLY A 21 3.40 -4.21 6.03
C GLY A 21 3.81 -5.49 6.71
N GLY A 22 3.31 -5.70 7.92
CA GLY A 22 3.64 -6.91 8.67
C GLY A 22 2.76 -7.10 9.90
N TYR A 23 1.78 -7.97 9.79
CA TYR A 23 0.86 -8.24 10.89
C TYR A 23 1.63 -8.72 12.12
N PRO A 24 0.99 -8.61 13.30
CA PRO A 24 1.59 -9.03 14.57
C PRO A 24 1.71 -10.55 14.68
N TRP A 25 0.83 -11.26 13.99
CA TRP A 25 0.84 -12.72 14.00
C TRP A 25 1.51 -13.28 12.75
N GLU A 26 1.63 -12.43 11.73
CA GLU A 26 2.24 -12.84 10.47
C GLU A 26 3.72 -12.47 10.46
N ARG A 27 4.42 -12.77 11.54
CA ARG A 27 5.84 -12.48 11.65
C ARG A 27 6.67 -13.75 11.73
N GLY A 28 6.24 -14.78 11.00
CA GLY A 28 6.95 -16.04 11.01
C GLY A 28 8.27 -15.97 10.26
N LYS A 29 8.32 -16.60 9.09
CA LYS A 29 9.52 -16.60 8.27
C LYS A 29 9.47 -15.51 7.22
N ALA A 30 9.24 -14.27 7.67
CA ALA A 30 9.18 -13.13 6.76
C ALA A 30 8.05 -13.31 5.74
N MET A 1 -10.39 -3.57 -11.32
CA MET A 1 -10.91 -2.24 -11.62
C MET A 1 -10.11 -1.60 -12.77
N LYS A 2 -10.83 -1.01 -13.70
CA LYS A 2 -10.20 -0.35 -14.86
C LYS A 2 -9.63 1.00 -14.47
N THR A 3 -10.33 1.70 -13.58
CA THR A 3 -9.89 3.01 -13.12
C THR A 3 -9.18 2.92 -11.78
N ILE A 4 -8.33 1.90 -11.64
CA ILE A 4 -7.58 1.70 -10.41
C ILE A 4 -6.52 2.78 -10.22
N LEU A 5 -6.28 3.56 -11.27
CA LEU A 5 -5.30 4.63 -11.22
C LEU A 5 -5.55 5.54 -10.01
N ARG A 6 -6.81 5.73 -9.68
CA ARG A 6 -7.19 6.58 -8.54
C ARG A 6 -6.87 5.88 -7.22
N PHE A 7 -6.97 4.56 -7.21
CA PHE A 7 -6.69 3.78 -6.02
C PHE A 7 -5.19 3.66 -5.78
N VAL A 8 -4.47 3.23 -6.81
CA VAL A 8 -3.02 3.07 -6.72
C VAL A 8 -2.34 4.41 -6.48
N ALA A 9 -2.91 5.47 -7.05
CA ALA A 9 -2.36 6.82 -6.91
C ALA A 9 -2.12 7.15 -5.44
N GLY A 10 -3.13 6.93 -4.61
CA GLY A 10 -3.01 7.22 -3.20
C GLY A 10 -2.11 6.24 -2.48
N TYR A 11 -2.04 5.02 -3.00
CA TYR A 11 -1.22 3.98 -2.39
C TYR A 11 0.27 4.24 -2.65
N ASP A 12 0.56 4.81 -3.82
CA ASP A 12 1.94 5.12 -4.18
C ASP A 12 2.53 6.16 -3.24
N ILE A 13 1.68 7.04 -2.74
CA ILE A 13 2.13 8.09 -1.82
C ILE A 13 2.08 7.61 -0.37
N ALA A 14 0.99 6.95 -0.01
CA ALA A 14 0.82 6.44 1.34
C ALA A 14 1.88 5.39 1.67
N SER A 15 2.22 4.57 0.68
CA SER A 15 3.22 3.52 0.86
C SER A 15 4.62 4.12 0.96
N HIS A 16 4.81 5.26 0.33
CA HIS A 16 6.10 5.94 0.35
C HIS A 16 6.30 6.69 1.67
N LYS A 17 5.20 7.22 2.22
CA LYS A 17 5.26 7.95 3.47
C LYS A 17 5.35 7.00 4.66
N LYS A 18 4.39 6.10 4.76
CA LYS A 18 4.36 5.13 5.85
C LYS A 18 5.36 4.00 5.60
N LYS A 19 5.19 3.30 4.48
CA LYS A 19 6.07 2.21 4.12
C LYS A 19 6.13 1.17 5.23
N THR A 20 5.17 0.24 5.23
CA THR A 20 5.12 -0.80 6.24
C THR A 20 4.36 -2.02 5.73
N GLY A 21 4.59 -3.17 6.35
CA GLY A 21 3.93 -4.39 5.95
C GLY A 21 2.42 -4.26 5.99
N GLY A 22 1.89 -3.94 7.17
CA GLY A 22 0.46 -3.79 7.32
C GLY A 22 -0.19 -5.04 7.90
N TYR A 23 -0.31 -5.08 9.22
CA TYR A 23 -0.92 -6.22 9.90
C TYR A 23 -2.31 -6.51 9.33
N PRO A 24 -2.79 -7.75 9.56
CA PRO A 24 -4.10 -8.19 9.09
C PRO A 24 -5.25 -7.50 9.84
N TRP A 25 -4.98 -7.10 11.09
CA TRP A 25 -5.99 -6.44 11.91
C TRP A 25 -5.76 -4.93 11.91
N GLU A 26 -4.56 -4.51 11.53
CA GLU A 26 -4.22 -3.10 11.50
C GLU A 26 -4.42 -2.52 10.10
N ARG A 27 -5.56 -2.83 9.49
CA ARG A 27 -5.87 -2.35 8.16
C ARG A 27 -7.04 -1.37 8.19
N GLY A 28 -7.11 -0.57 9.25
CA GLY A 28 -8.19 0.40 9.37
C GLY A 28 -9.14 0.05 10.50
N LYS A 29 -9.90 -1.02 10.33
CA LYS A 29 -10.86 -1.46 11.34
C LYS A 29 -11.12 -2.96 11.23
N ALA A 30 -11.08 -3.65 12.37
CA ALA A 30 -11.32 -5.09 12.40
C ALA A 30 -11.50 -5.57 13.83
N MET A 1 -11.28 -3.84 -12.68
CA MET A 1 -10.76 -2.58 -12.16
C MET A 1 -9.88 -1.90 -13.20
N LYS A 2 -10.49 -1.02 -14.00
CA LYS A 2 -9.76 -0.29 -15.03
C LYS A 2 -9.37 1.10 -14.55
N THR A 3 -10.18 1.66 -13.65
CA THR A 3 -9.91 2.99 -13.11
C THR A 3 -9.20 2.89 -11.77
N ILE A 4 -8.35 1.89 -11.62
CA ILE A 4 -7.59 1.69 -10.39
C ILE A 4 -6.53 2.77 -10.21
N LEU A 5 -6.30 3.55 -11.26
CA LEU A 5 -5.32 4.62 -11.22
C LEU A 5 -5.55 5.53 -10.02
N ARG A 6 -6.83 5.74 -9.68
CA ARG A 6 -7.19 6.58 -8.56
C ARG A 6 -6.87 5.90 -7.24
N PHE A 7 -6.98 4.57 -7.22
CA PHE A 7 -6.70 3.79 -6.01
C PHE A 7 -5.20 3.67 -5.77
N VAL A 8 -4.48 3.24 -6.80
CA VAL A 8 -3.03 3.08 -6.70
C VAL A 8 -2.34 4.42 -6.49
N ALA A 9 -2.92 5.48 -7.06
CA ALA A 9 -2.37 6.82 -6.92
C ALA A 9 -2.12 7.17 -5.46
N GLY A 10 -3.13 6.95 -4.63
CA GLY A 10 -3.02 7.25 -3.21
C GLY A 10 -2.12 6.27 -2.50
N TYR A 11 -2.05 5.04 -3.00
CA TYR A 11 -1.23 4.00 -2.39
C TYR A 11 0.26 4.27 -2.65
N ASP A 12 0.55 4.83 -3.82
CA ASP A 12 1.93 5.13 -4.19
C ASP A 12 2.53 6.17 -3.25
N ILE A 13 1.68 7.03 -2.71
CA ILE A 13 2.12 8.08 -1.79
C ILE A 13 2.10 7.59 -0.34
N ALA A 14 1.00 6.95 0.03
CA ALA A 14 0.84 6.42 1.38
C ALA A 14 1.90 5.37 1.68
N SER A 15 2.23 4.56 0.68
CA SER A 15 3.22 3.50 0.84
C SER A 15 4.63 4.09 0.95
N HIS A 16 4.83 5.26 0.35
CA HIS A 16 6.13 5.92 0.38
C HIS A 16 6.30 6.70 1.68
N LYS A 17 5.21 7.23 2.21
CA LYS A 17 5.24 7.99 3.44
C LYS A 17 5.35 7.06 4.65
N LYS A 18 4.40 6.14 4.77
CA LYS A 18 4.38 5.19 5.88
C LYS A 18 5.39 4.07 5.64
N LYS A 19 5.28 3.40 4.50
CA LYS A 19 6.17 2.30 4.15
C LYS A 19 6.14 1.21 5.21
N THR A 20 5.20 0.28 5.05
CA THR A 20 5.06 -0.82 5.99
C THR A 20 3.95 -1.78 5.56
N GLY A 21 4.10 -3.05 5.91
CA GLY A 21 3.09 -4.03 5.55
C GLY A 21 1.83 -3.90 6.38
N GLY A 22 1.97 -3.97 7.69
CA GLY A 22 0.82 -3.86 8.57
C GLY A 22 1.09 -4.39 9.96
N TYR A 23 1.11 -3.51 10.94
CA TYR A 23 1.36 -3.90 12.32
C TYR A 23 0.38 -4.98 12.78
N PRO A 24 0.75 -5.70 13.84
CA PRO A 24 -0.08 -6.78 14.39
C PRO A 24 -1.33 -6.25 15.07
N TRP A 25 -1.25 -5.02 15.58
CA TRP A 25 -2.38 -4.39 16.26
C TRP A 25 -3.10 -3.42 15.33
N GLU A 26 -2.42 -3.02 14.26
CA GLU A 26 -3.00 -2.09 13.30
C GLU A 26 -3.62 -2.84 12.12
N ARG A 27 -4.38 -3.88 12.42
CA ARG A 27 -5.03 -4.68 11.39
C ARG A 27 -6.54 -4.42 11.36
N GLY A 28 -6.92 -3.18 11.61
CA GLY A 28 -8.32 -2.81 11.60
C GLY A 28 -8.87 -2.63 10.20
N LYS A 29 -8.93 -1.37 9.76
CA LYS A 29 -9.44 -1.05 8.43
C LYS A 29 -8.29 -1.03 7.41
N ALA A 30 -8.62 -1.35 6.17
CA ALA A 30 -7.63 -1.36 5.10
C ALA A 30 -6.45 -2.26 5.46
N MET A 1 -9.62 -3.85 -13.09
CA MET A 1 -8.99 -2.57 -12.72
C MET A 1 -8.94 -1.63 -13.92
N LYS A 2 -10.07 -1.01 -14.23
CA LYS A 2 -10.15 -0.08 -15.35
C LYS A 2 -9.83 1.34 -14.90
N THR A 3 -10.16 1.66 -13.65
CA THR A 3 -9.91 2.99 -13.11
C THR A 3 -9.19 2.89 -11.76
N ILE A 4 -8.34 1.89 -11.62
CA ILE A 4 -7.59 1.69 -10.39
C ILE A 4 -6.53 2.77 -10.21
N LEU A 5 -6.30 3.54 -11.26
CA LEU A 5 -5.31 4.62 -11.22
C LEU A 5 -5.55 5.53 -10.02
N ARG A 6 -6.82 5.73 -9.67
CA ARG A 6 -7.18 6.57 -8.55
C ARG A 6 -6.86 5.89 -7.23
N PHE A 7 -6.97 4.57 -7.22
CA PHE A 7 -6.70 3.79 -6.01
C PHE A 7 -5.20 3.67 -5.77
N VAL A 8 -4.47 3.25 -6.80
CA VAL A 8 -3.03 3.09 -6.70
C VAL A 8 -2.35 4.43 -6.49
N ALA A 9 -2.92 5.48 -7.06
CA ALA A 9 -2.37 6.83 -6.93
C ALA A 9 -2.11 7.17 -5.46
N GLY A 10 -3.13 6.97 -4.63
CA GLY A 10 -3.00 7.27 -3.22
C GLY A 10 -2.11 6.28 -2.49
N TYR A 11 -2.06 5.06 -3.00
CA TYR A 11 -1.23 4.01 -2.39
C TYR A 11 0.25 4.28 -2.65
N ASP A 12 0.55 4.84 -3.80
CA ASP A 12 1.93 5.14 -4.17
C ASP A 12 2.53 6.18 -3.23
N ILE A 13 1.67 7.05 -2.70
CA ILE A 13 2.12 8.09 -1.77
C ILE A 13 2.09 7.60 -0.33
N ALA A 14 1.00 6.95 0.04
CA ALA A 14 0.85 6.42 1.39
C ALA A 14 1.90 5.36 1.70
N SER A 15 2.22 4.54 0.69
CA SER A 15 3.21 3.49 0.85
C SER A 15 4.61 4.08 0.93
N HIS A 16 4.81 5.23 0.32
CA HIS A 16 6.11 5.89 0.33
C HIS A 16 6.31 6.67 1.62
N LYS A 17 5.22 7.18 2.18
CA LYS A 17 5.27 7.95 3.42
C LYS A 17 5.41 7.02 4.62
N LYS A 18 4.45 6.11 4.78
CA LYS A 18 4.47 5.16 5.88
C LYS A 18 5.43 4.01 5.60
N LYS A 19 5.20 3.31 4.49
CA LYS A 19 6.06 2.19 4.11
C LYS A 19 6.07 1.13 5.19
N THR A 20 5.13 0.19 5.10
CA THR A 20 5.03 -0.90 6.07
C THR A 20 4.34 -2.12 5.47
N GLY A 21 4.61 -3.29 6.04
CA GLY A 21 4.01 -4.51 5.54
C GLY A 21 4.98 -5.68 5.57
N GLY A 22 4.95 -6.44 6.66
CA GLY A 22 5.83 -7.58 6.80
C GLY A 22 5.10 -8.90 6.63
N TYR A 23 4.83 -9.56 7.75
CA TYR A 23 4.13 -10.85 7.73
C TYR A 23 2.70 -10.68 7.20
N PRO A 24 2.11 -11.80 6.74
CA PRO A 24 0.76 -11.80 6.20
C PRO A 24 -0.30 -11.57 7.26
N TRP A 25 0.02 -11.95 8.50
CA TRP A 25 -0.90 -11.77 9.61
C TRP A 25 -0.54 -10.53 10.43
N GLU A 26 0.68 -10.06 10.27
CA GLU A 26 1.16 -8.89 10.99
C GLU A 26 0.98 -7.63 10.16
N ARG A 27 -0.18 -7.49 9.52
CA ARG A 27 -0.47 -6.34 8.69
C ARG A 27 -1.70 -5.59 9.20
N GLY A 28 -1.95 -5.71 10.50
CA GLY A 28 -3.10 -5.04 11.09
C GLY A 28 -2.72 -3.73 11.76
N LYS A 29 -2.63 -3.74 13.08
CA LYS A 29 -2.29 -2.54 13.84
C LYS A 29 -1.77 -2.91 15.23
N ALA A 30 -0.89 -2.08 15.76
CA ALA A 30 -0.33 -2.32 17.10
C ALA A 30 0.57 -1.15 17.52
N MET A 1 -10.45 -3.90 -12.34
CA MET A 1 -10.51 -2.47 -12.12
C MET A 1 -9.69 -1.71 -13.16
N LYS A 2 -10.38 -1.01 -14.04
CA LYS A 2 -9.71 -0.24 -15.09
C LYS A 2 -9.34 1.15 -14.59
N THR A 3 -10.14 1.69 -13.68
CA THR A 3 -9.90 3.01 -13.12
C THR A 3 -9.18 2.91 -11.78
N ILE A 4 -8.33 1.90 -11.63
CA ILE A 4 -7.59 1.70 -10.40
C ILE A 4 -6.53 2.78 -10.21
N LEU A 5 -6.29 3.56 -11.26
CA LEU A 5 -5.31 4.62 -11.22
C LEU A 5 -5.55 5.53 -10.01
N ARG A 6 -6.82 5.74 -9.69
CA ARG A 6 -7.19 6.59 -8.55
C ARG A 6 -6.86 5.90 -7.23
N PHE A 7 -6.98 4.58 -7.21
CA PHE A 7 -6.70 3.79 -6.01
C PHE A 7 -5.20 3.67 -5.77
N VAL A 8 -4.48 3.24 -6.80
CA VAL A 8 -3.03 3.08 -6.70
C VAL A 8 -2.34 4.42 -6.47
N ALA A 9 -2.92 5.47 -7.05
CA ALA A 9 -2.37 6.81 -6.91
C ALA A 9 -2.12 7.15 -5.44
N GLY A 10 -3.13 6.94 -4.62
CA GLY A 10 -3.02 7.24 -3.20
C GLY A 10 -2.12 6.25 -2.47
N TYR A 11 -2.06 5.02 -2.98
CA TYR A 11 -1.24 3.98 -2.38
C TYR A 11 0.24 4.24 -2.64
N ASP A 12 0.55 4.81 -3.80
CA ASP A 12 1.92 5.11 -4.17
C ASP A 12 2.52 6.15 -3.22
N ILE A 13 1.68 7.04 -2.72
CA ILE A 13 2.13 8.08 -1.80
C ILE A 13 2.10 7.60 -0.36
N ALA A 14 1.00 6.95 0.02
CA ALA A 14 0.84 6.43 1.38
C ALA A 14 1.90 5.38 1.69
N SER A 15 2.22 4.56 0.69
CA SER A 15 3.22 3.50 0.87
C SER A 15 4.62 4.09 0.94
N HIS A 16 4.80 5.25 0.30
CA HIS A 16 6.10 5.91 0.30
C HIS A 16 6.30 6.73 1.57
N LYS A 17 5.20 7.27 2.09
CA LYS A 17 5.25 8.07 3.31
C LYS A 17 5.36 7.18 4.55
N LYS A 18 4.39 6.28 4.71
CA LYS A 18 4.37 5.37 5.85
C LYS A 18 5.38 4.24 5.64
N LYS A 19 5.26 3.54 4.52
CA LYS A 19 6.16 2.43 4.21
C LYS A 19 6.12 1.38 5.31
N THR A 20 5.21 0.42 5.17
CA THR A 20 5.07 -0.65 6.15
C THR A 20 4.36 -1.85 5.55
N GLY A 21 4.72 -3.05 6.03
CA GLY A 21 4.11 -4.26 5.52
C GLY A 21 5.07 -5.10 4.70
N GLY A 22 5.79 -5.99 5.37
CA GLY A 22 6.74 -6.85 4.67
C GLY A 22 8.08 -6.17 4.47
N TYR A 23 9.03 -6.47 5.35
CA TYR A 23 10.36 -5.89 5.28
C TYR A 23 11.08 -6.35 4.01
N PRO A 24 12.11 -5.59 3.61
CA PRO A 24 12.92 -5.90 2.42
C PRO A 24 13.78 -7.14 2.61
N TRP A 25 14.15 -7.42 3.85
CA TRP A 25 14.98 -8.57 4.16
C TRP A 25 14.13 -9.72 4.70
N GLU A 26 12.92 -9.39 5.14
CA GLU A 26 12.01 -10.40 5.68
C GLU A 26 11.04 -10.89 4.60
N ARG A 27 11.57 -11.17 3.41
CA ARG A 27 10.76 -11.65 2.30
C ARG A 27 11.00 -13.12 2.04
N GLY A 28 11.40 -13.85 3.08
CA GLY A 28 11.66 -15.27 2.94
C GLY A 28 12.76 -15.75 3.88
N LYS A 29 13.99 -15.37 3.58
CA LYS A 29 15.14 -15.77 4.40
C LYS A 29 15.01 -15.20 5.81
N ALA A 30 15.60 -15.90 6.78
CA ALA A 30 15.56 -15.47 8.17
C ALA A 30 16.94 -15.07 8.66
N MET A 1 -8.63 -3.25 -11.85
CA MET A 1 -9.70 -2.35 -12.26
C MET A 1 -9.22 -1.44 -13.38
N LYS A 2 -10.15 -0.96 -14.20
CA LYS A 2 -9.83 -0.07 -15.31
C LYS A 2 -9.50 1.33 -14.81
N THR A 3 -10.11 1.72 -13.71
CA THR A 3 -9.89 3.05 -13.13
C THR A 3 -9.18 2.94 -11.79
N ILE A 4 -8.34 1.92 -11.64
CA ILE A 4 -7.59 1.71 -10.41
C ILE A 4 -6.54 2.79 -10.22
N LEU A 5 -6.30 3.57 -11.26
CA LEU A 5 -5.30 4.64 -11.21
C LEU A 5 -5.55 5.54 -10.00
N ARG A 6 -6.81 5.75 -9.67
CA ARG A 6 -7.19 6.59 -8.53
C ARG A 6 -6.86 5.89 -7.22
N PHE A 7 -6.98 4.56 -7.21
CA PHE A 7 -6.71 3.78 -6.01
C PHE A 7 -5.21 3.66 -5.77
N VAL A 8 -4.48 3.22 -6.80
CA VAL A 8 -3.04 3.06 -6.69
C VAL A 8 -2.35 4.40 -6.47
N ALA A 9 -2.92 5.46 -7.04
CA ALA A 9 -2.36 6.80 -6.89
C ALA A 9 -2.12 7.14 -5.42
N GLY A 10 -3.14 6.92 -4.60
CA GLY A 10 -3.01 7.20 -3.17
C GLY A 10 -2.12 6.21 -2.46
N TYR A 11 -2.07 4.99 -2.97
CA TYR A 11 -1.25 3.94 -2.38
C TYR A 11 0.24 4.20 -2.62
N ASP A 12 0.55 4.77 -3.79
CA ASP A 12 1.92 5.08 -4.15
C ASP A 12 2.52 6.12 -3.20
N ILE A 13 1.68 7.04 -2.75
CA ILE A 13 2.13 8.09 -1.83
C ILE A 13 2.09 7.61 -0.39
N ALA A 14 0.98 6.98 0.00
CA ALA A 14 0.82 6.46 1.36
C ALA A 14 1.89 5.43 1.68
N SER A 15 2.22 4.59 0.71
CA SER A 15 3.22 3.55 0.88
C SER A 15 4.62 4.16 0.95
N HIS A 16 4.80 5.28 0.27
CA HIS A 16 6.09 5.97 0.24
C HIS A 16 6.34 6.72 1.55
N LYS A 17 5.27 7.27 2.11
CA LYS A 17 5.36 8.01 3.36
C LYS A 17 5.47 7.07 4.55
N LYS A 18 4.48 6.20 4.71
CA LYS A 18 4.46 5.25 5.82
C LYS A 18 5.49 4.15 5.59
N LYS A 19 5.39 3.47 4.45
CA LYS A 19 6.31 2.40 4.11
C LYS A 19 6.30 1.31 5.18
N THR A 20 5.40 0.34 5.02
CA THR A 20 5.29 -0.77 5.97
C THR A 20 4.55 -1.95 5.36
N GLY A 21 4.91 -3.15 5.78
CA GLY A 21 4.27 -4.34 5.27
C GLY A 21 5.26 -5.40 4.83
N GLY A 22 5.34 -6.48 5.60
CA GLY A 22 6.27 -7.55 5.27
C GLY A 22 5.65 -8.93 5.47
N TYR A 23 6.09 -9.63 6.50
CA TYR A 23 5.58 -10.97 6.79
C TYR A 23 4.10 -10.92 7.13
N PRO A 24 3.43 -12.08 7.01
CA PRO A 24 2.00 -12.20 7.32
C PRO A 24 1.70 -12.07 8.80
N TRP A 25 2.67 -12.44 9.63
CA TRP A 25 2.51 -12.36 11.08
C TRP A 25 3.18 -11.11 11.63
N GLU A 26 4.08 -10.52 10.84
CA GLU A 26 4.79 -9.32 11.26
C GLU A 26 4.10 -8.07 10.73
N ARG A 27 2.77 -8.07 10.79
CA ARG A 27 1.98 -6.93 10.31
C ARG A 27 1.11 -6.37 11.44
N GLY A 28 1.66 -6.39 12.66
CA GLY A 28 0.92 -5.87 13.79
C GLY A 28 0.09 -6.94 14.48
N LYS A 29 0.56 -7.42 15.63
CA LYS A 29 -0.15 -8.45 16.38
C LYS A 29 0.07 -8.27 17.88
N ALA A 30 -1.02 -8.04 18.61
CA ALA A 30 -0.96 -7.86 20.05
C ALA A 30 -0.96 -9.20 20.78
N MET A 1 -8.58 -3.76 -14.51
CA MET A 1 -8.33 -2.40 -14.04
C MET A 1 -9.03 -1.38 -14.93
N LYS A 2 -10.20 -0.93 -14.49
CA LYS A 2 -10.98 0.05 -15.24
C LYS A 2 -10.56 1.47 -14.89
N THR A 3 -10.31 1.70 -13.60
CA THR A 3 -9.89 3.01 -13.13
C THR A 3 -9.18 2.92 -11.78
N ILE A 4 -8.33 1.90 -11.64
CA ILE A 4 -7.58 1.69 -10.41
C ILE A 4 -6.52 2.78 -10.22
N LEU A 5 -6.28 3.56 -11.27
CA LEU A 5 -5.30 4.63 -11.23
C LEU A 5 -5.55 5.54 -10.03
N ARG A 6 -6.82 5.74 -9.69
CA ARG A 6 -7.17 6.58 -8.55
C ARG A 6 -6.86 5.89 -7.23
N PHE A 7 -6.97 4.57 -7.22
CA PHE A 7 -6.70 3.79 -6.02
C PHE A 7 -5.20 3.67 -5.78
N VAL A 8 -4.47 3.23 -6.81
CA VAL A 8 -3.03 3.07 -6.71
C VAL A 8 -2.34 4.41 -6.49
N ALA A 9 -2.91 5.47 -7.06
CA ALA A 9 -2.35 6.81 -6.91
C ALA A 9 -2.11 7.15 -5.45
N GLY A 10 -3.13 6.93 -4.62
CA GLY A 10 -3.00 7.22 -3.20
C GLY A 10 -2.11 6.24 -2.48
N TYR A 11 -2.05 5.01 -3.00
CA TYR A 11 -1.22 3.97 -2.40
C TYR A 11 0.25 4.23 -2.64
N ASP A 12 0.56 4.82 -3.79
CA ASP A 12 1.94 5.12 -4.15
C ASP A 12 2.53 6.16 -3.20
N ILE A 13 1.68 7.05 -2.71
CA ILE A 13 2.12 8.09 -1.79
C ILE A 13 2.08 7.60 -0.34
N ALA A 14 0.98 6.95 0.02
CA ALA A 14 0.82 6.43 1.38
C ALA A 14 1.89 5.38 1.69
N SER A 15 2.22 4.57 0.70
CA SER A 15 3.23 3.52 0.87
C SER A 15 4.62 4.12 0.96
N HIS A 16 4.80 5.27 0.31
CA HIS A 16 6.10 5.95 0.32
C HIS A 16 6.31 6.70 1.62
N LYS A 17 5.23 7.22 2.19
CA LYS A 17 5.30 7.95 3.44
C LYS A 17 5.42 7.01 4.63
N LYS A 18 4.45 6.11 4.77
CA LYS A 18 4.45 5.14 5.85
C LYS A 18 5.47 4.03 5.60
N LYS A 19 5.36 3.38 4.46
CA LYS A 19 6.27 2.30 4.10
C LYS A 19 6.31 1.23 5.18
N THR A 20 5.42 0.25 5.07
CA THR A 20 5.34 -0.83 6.05
C THR A 20 4.28 -1.85 5.66
N GLY A 21 4.47 -3.09 6.10
CA GLY A 21 3.52 -4.14 5.79
C GLY A 21 3.39 -5.15 6.92
N GLY A 22 2.62 -4.80 7.93
CA GLY A 22 2.43 -5.70 9.07
C GLY A 22 1.46 -5.15 10.09
N TYR A 23 0.18 -5.50 9.96
CA TYR A 23 -0.84 -5.04 10.88
C TYR A 23 -0.55 -5.50 12.31
N PRO A 24 -1.16 -4.82 13.28
CA PRO A 24 -0.99 -5.14 14.70
C PRO A 24 -1.64 -6.46 15.09
N TRP A 25 -2.69 -6.82 14.35
CA TRP A 25 -3.41 -8.07 14.61
C TRP A 25 -2.98 -9.16 13.64
N GLU A 26 -2.37 -8.75 12.54
CA GLU A 26 -1.91 -9.70 11.53
C GLU A 26 -0.44 -10.05 11.74
N ARG A 27 -0.08 -10.31 12.99
CA ARG A 27 1.30 -10.66 13.33
C ARG A 27 1.40 -12.12 13.76
N GLY A 28 0.47 -12.95 13.26
CA GLY A 28 0.48 -14.35 13.61
C GLY A 28 -0.90 -14.85 13.99
N LYS A 29 -1.54 -14.16 14.92
CA LYS A 29 -2.87 -14.55 15.38
C LYS A 29 -3.82 -13.35 15.37
N ALA A 30 -4.89 -13.45 14.59
CA ALA A 30 -5.87 -12.37 14.51
C ALA A 30 -6.52 -12.11 15.86
N MET A 1 -8.38 -3.16 -11.88
CA MET A 1 -9.52 -2.32 -12.25
C MET A 1 -9.17 -1.40 -13.41
N LYS A 2 -10.18 -0.99 -14.16
CA LYS A 2 -9.98 -0.10 -15.30
C LYS A 2 -9.65 1.31 -14.84
N THR A 3 -10.15 1.68 -13.66
CA THR A 3 -9.91 3.00 -13.10
C THR A 3 -9.19 2.90 -11.76
N ILE A 4 -8.35 1.89 -11.62
CA ILE A 4 -7.59 1.69 -10.39
C ILE A 4 -6.53 2.77 -10.20
N LEU A 5 -6.31 3.54 -11.26
CA LEU A 5 -5.32 4.62 -11.22
C LEU A 5 -5.56 5.53 -10.01
N ARG A 6 -6.83 5.74 -9.68
CA ARG A 6 -7.19 6.58 -8.54
C ARG A 6 -6.87 5.90 -7.22
N PHE A 7 -6.98 4.57 -7.20
CA PHE A 7 -6.70 3.79 -6.01
C PHE A 7 -5.20 3.68 -5.77
N VAL A 8 -4.48 3.24 -6.80
CA VAL A 8 -3.03 3.08 -6.70
C VAL A 8 -2.34 4.42 -6.49
N ALA A 9 -2.92 5.48 -7.06
CA ALA A 9 -2.37 6.82 -6.92
C ALA A 9 -2.12 7.16 -5.45
N GLY A 10 -3.13 6.95 -4.63
CA GLY A 10 -3.00 7.25 -3.21
C GLY A 10 -2.11 6.26 -2.49
N TYR A 11 -2.05 5.04 -3.00
CA TYR A 11 -1.23 4.00 -2.39
C TYR A 11 0.26 4.26 -2.66
N ASP A 12 0.56 4.82 -3.82
CA ASP A 12 1.94 5.13 -4.19
C ASP A 12 2.53 6.17 -3.25
N ILE A 13 1.68 7.04 -2.72
CA ILE A 13 2.13 8.08 -1.80
C ILE A 13 2.09 7.60 -0.36
N ALA A 14 1.00 6.94 0.01
CA ALA A 14 0.84 6.42 1.36
C ALA A 14 1.90 5.37 1.67
N SER A 15 2.22 4.55 0.68
CA SER A 15 3.22 3.49 0.84
C SER A 15 4.62 4.08 0.95
N HIS A 16 4.82 5.25 0.35
CA HIS A 16 6.11 5.91 0.37
C HIS A 16 6.29 6.71 1.66
N LYS A 17 5.19 7.25 2.17
CA LYS A 17 5.22 8.02 3.40
C LYS A 17 5.31 7.11 4.63
N LYS A 18 4.37 6.18 4.75
CA LYS A 18 4.35 5.26 5.87
C LYS A 18 5.35 4.12 5.65
N LYS A 19 5.22 3.43 4.52
CA LYS A 19 6.10 2.32 4.18
C LYS A 19 6.10 1.28 5.29
N THR A 20 5.15 0.35 5.23
CA THR A 20 5.04 -0.70 6.23
C THR A 20 3.90 -1.65 5.90
N GLY A 21 4.07 -2.92 6.25
CA GLY A 21 3.05 -3.92 5.98
C GLY A 21 3.63 -5.28 5.66
N GLY A 22 3.93 -6.06 6.70
CA GLY A 22 4.48 -7.38 6.50
C GLY A 22 5.90 -7.33 5.94
N TYR A 23 6.87 -7.65 6.78
CA TYR A 23 8.27 -7.64 6.37
C TYR A 23 8.56 -8.77 5.39
N PRO A 24 9.66 -8.64 4.63
CA PRO A 24 10.07 -9.64 3.64
C PRO A 24 10.56 -10.93 4.31
N TRP A 25 11.10 -10.80 5.52
CA TRP A 25 11.60 -11.95 6.25
C TRP A 25 10.60 -12.43 7.28
N GLU A 26 9.64 -11.56 7.62
CA GLU A 26 8.62 -11.89 8.59
C GLU A 26 7.36 -12.40 7.91
N ARG A 27 7.53 -13.32 6.97
CA ARG A 27 6.40 -13.88 6.23
C ARG A 27 6.07 -15.29 6.74
N GLY A 28 6.41 -15.55 7.99
CA GLY A 28 6.15 -16.85 8.57
C GLY A 28 7.40 -17.67 8.78
N LYS A 29 8.53 -16.99 8.93
CA LYS A 29 9.81 -17.65 9.14
C LYS A 29 10.54 -17.05 10.34
N ALA A 30 10.08 -17.38 11.53
CA ALA A 30 10.70 -16.88 12.76
C ALA A 30 11.06 -18.02 13.69
N MET A 1 -9.17 -3.46 -11.45
CA MET A 1 -10.08 -2.43 -11.94
C MET A 1 -9.42 -1.58 -13.02
N LYS A 2 -10.24 -1.10 -13.96
CA LYS A 2 -9.74 -0.27 -15.05
C LYS A 2 -9.35 1.11 -14.55
N THR A 3 -10.17 1.66 -13.66
CA THR A 3 -9.91 2.99 -13.11
C THR A 3 -9.20 2.89 -11.77
N ILE A 4 -8.34 1.89 -11.63
CA ILE A 4 -7.59 1.70 -10.40
C ILE A 4 -6.53 2.78 -10.21
N LEU A 5 -6.29 3.56 -11.26
CA LEU A 5 -5.31 4.62 -11.22
C LEU A 5 -5.55 5.54 -10.03
N ARG A 6 -6.82 5.74 -9.69
CA ARG A 6 -7.19 6.59 -8.55
C ARG A 6 -6.86 5.90 -7.23
N PHE A 7 -6.98 4.58 -7.21
CA PHE A 7 -6.70 3.79 -6.01
C PHE A 7 -5.20 3.67 -5.77
N VAL A 8 -4.48 3.24 -6.80
CA VAL A 8 -3.03 3.08 -6.70
C VAL A 8 -2.34 4.43 -6.48
N ALA A 9 -2.91 5.47 -7.05
CA ALA A 9 -2.36 6.81 -6.92
C ALA A 9 -2.12 7.16 -5.45
N GLY A 10 -3.13 6.96 -4.62
CA GLY A 10 -3.00 7.25 -3.21
C GLY A 10 -2.11 6.26 -2.49
N TYR A 11 -2.05 5.04 -3.00
CA TYR A 11 -1.23 4.00 -2.39
C TYR A 11 0.26 4.26 -2.64
N ASP A 12 0.55 4.83 -3.81
CA ASP A 12 1.93 5.13 -4.17
C ASP A 12 2.53 6.17 -3.23
N ILE A 13 1.68 7.04 -2.70
CA ILE A 13 2.12 8.08 -1.79
C ILE A 13 2.09 7.60 -0.34
N ALA A 14 0.99 6.94 0.03
CA ALA A 14 0.84 6.42 1.38
C ALA A 14 1.90 5.37 1.69
N SER A 15 2.22 4.54 0.69
CA SER A 15 3.21 3.49 0.85
C SER A 15 4.61 4.07 0.95
N HIS A 16 4.81 5.23 0.31
CA HIS A 16 6.11 5.89 0.32
C HIS A 16 6.28 6.74 1.58
N LYS A 17 5.16 7.27 2.09
CA LYS A 17 5.18 8.09 3.28
C LYS A 17 5.33 7.24 4.54
N LYS A 18 4.41 6.31 4.72
CA LYS A 18 4.43 5.42 5.88
C LYS A 18 5.38 4.25 5.64
N LYS A 19 5.16 3.52 4.55
CA LYS A 19 5.99 2.38 4.21
C LYS A 19 6.08 1.40 5.38
N THR A 20 5.10 0.50 5.46
CA THR A 20 5.07 -0.49 6.53
C THR A 20 4.44 -1.80 6.05
N GLY A 21 4.79 -2.90 6.71
CA GLY A 21 4.26 -4.19 6.34
C GLY A 21 5.30 -5.30 6.42
N GLY A 22 5.85 -5.52 7.61
CA GLY A 22 6.85 -6.54 7.79
C GLY A 22 6.30 -7.94 7.58
N TYR A 23 6.03 -8.63 8.68
CA TYR A 23 5.50 -9.99 8.61
C TYR A 23 4.11 -10.00 7.97
N PRO A 24 3.70 -11.18 7.48
CA PRO A 24 2.40 -11.35 6.84
C PRO A 24 1.24 -11.25 7.82
N TRP A 25 1.51 -11.59 9.08
CA TRP A 25 0.49 -11.54 10.12
C TRP A 25 0.65 -10.28 10.96
N GLU A 26 1.82 -9.65 10.88
CA GLU A 26 2.09 -8.44 11.65
C GLU A 26 1.83 -7.20 10.79
N ARG A 27 0.96 -7.34 9.80
CA ARG A 27 0.63 -6.23 8.91
C ARG A 27 -0.85 -5.87 9.01
N GLY A 28 -1.44 -6.15 10.16
CA GLY A 28 -2.85 -5.85 10.36
C GLY A 28 -3.07 -4.72 11.36
N LYS A 29 -2.05 -3.88 11.52
CA LYS A 29 -2.14 -2.76 12.45
C LYS A 29 -2.56 -3.24 13.84
N ALA A 30 -1.64 -3.92 14.52
CA ALA A 30 -1.92 -4.42 15.86
C ALA A 30 -0.96 -3.83 16.89
N MET A 1 -9.97 -3.93 -12.41
CA MET A 1 -10.22 -2.51 -12.24
C MET A 1 -9.50 -1.70 -13.30
N LYS A 2 -10.26 -0.99 -14.13
CA LYS A 2 -9.69 -0.17 -15.19
C LYS A 2 -9.36 1.23 -14.68
N THR A 3 -10.11 1.69 -13.69
CA THR A 3 -9.91 3.01 -13.12
C THR A 3 -9.19 2.91 -11.77
N ILE A 4 -8.35 1.89 -11.62
CA ILE A 4 -7.60 1.69 -10.39
C ILE A 4 -6.54 2.78 -10.21
N LEU A 5 -6.30 3.55 -11.26
CA LEU A 5 -5.32 4.62 -11.22
C LEU A 5 -5.55 5.53 -10.02
N ARG A 6 -6.83 5.74 -9.68
CA ARG A 6 -7.19 6.59 -8.55
C ARG A 6 -6.87 5.90 -7.22
N PHE A 7 -6.99 4.58 -7.21
CA PHE A 7 -6.71 3.79 -6.01
C PHE A 7 -5.21 3.67 -5.77
N VAL A 8 -4.49 3.23 -6.79
CA VAL A 8 -3.04 3.07 -6.69
C VAL A 8 -2.35 4.42 -6.48
N ALA A 9 -2.92 5.47 -7.05
CA ALA A 9 -2.37 6.81 -6.91
C ALA A 9 -2.12 7.16 -5.45
N GLY A 10 -3.14 6.95 -4.62
CA GLY A 10 -3.01 7.24 -3.20
C GLY A 10 -2.12 6.26 -2.48
N TYR A 11 -2.06 5.03 -2.99
CA TYR A 11 -1.24 3.99 -2.39
C TYR A 11 0.25 4.25 -2.64
N ASP A 12 0.55 4.80 -3.81
CA ASP A 12 1.93 5.11 -4.18
C ASP A 12 2.53 6.14 -3.24
N ILE A 13 1.68 7.03 -2.72
CA ILE A 13 2.13 8.07 -1.81
C ILE A 13 2.10 7.58 -0.36
N ALA A 14 1.00 6.95 0.03
CA ALA A 14 0.85 6.44 1.38
C ALA A 14 1.91 5.38 1.69
N SER A 15 2.23 4.56 0.68
CA SER A 15 3.22 3.52 0.84
C SER A 15 4.63 4.10 0.95
N HIS A 16 4.82 5.27 0.32
CA HIS A 16 6.12 5.93 0.34
C HIS A 16 6.29 6.75 1.61
N LYS A 17 5.19 7.28 2.14
CA LYS A 17 5.22 8.08 3.35
C LYS A 17 5.34 7.20 4.58
N LYS A 18 4.38 6.30 4.75
CA LYS A 18 4.39 5.38 5.90
C LYS A 18 5.37 4.23 5.67
N LYS A 19 5.17 3.51 4.57
CA LYS A 19 6.04 2.38 4.24
C LYS A 19 5.96 1.30 5.30
N THR A 20 5.05 0.36 5.12
CA THR A 20 4.88 -0.74 6.06
C THR A 20 3.97 -1.83 5.48
N GLY A 21 4.17 -3.06 5.94
CA GLY A 21 3.37 -4.17 5.46
C GLY A 21 3.39 -5.35 6.41
N GLY A 22 4.37 -6.23 6.22
CA GLY A 22 4.49 -7.41 7.08
C GLY A 22 5.92 -7.86 7.25
N TYR A 23 6.21 -9.08 6.80
CA TYR A 23 7.55 -9.63 6.90
C TYR A 23 8.57 -8.74 6.20
N PRO A 24 9.85 -8.91 6.56
CA PRO A 24 10.95 -8.13 5.97
C PRO A 24 11.21 -8.51 4.52
N TRP A 25 10.89 -9.76 4.17
CA TRP A 25 11.10 -10.24 2.81
C TRP A 25 9.80 -10.22 2.02
N GLU A 26 8.68 -10.15 2.75
CA GLU A 26 7.36 -10.11 2.11
C GLU A 26 6.89 -8.68 1.92
N ARG A 27 7.79 -7.81 1.49
CA ARG A 27 7.46 -6.41 1.27
C ARG A 27 7.65 -6.03 -0.20
N GLY A 28 7.45 -7.00 -1.08
CA GLY A 28 7.60 -6.75 -2.50
C GLY A 28 6.30 -6.33 -3.16
N LYS A 29 5.46 -7.31 -3.49
CA LYS A 29 4.18 -7.03 -4.12
C LYS A 29 3.12 -6.70 -3.07
N ALA A 30 3.31 -7.20 -1.86
CA ALA A 30 2.38 -6.95 -0.78
C ALA A 30 2.94 -5.94 0.21
#